data_3LUK
#
_entry.id   3LUK
#
_cell.length_a   40.800
_cell.length_b   47.851
_cell.length_c   66.846
_cell.angle_alpha   85.90
_cell.angle_beta   72.84
_cell.angle_gamma   82.86
#
_symmetry.space_group_name_H-M   'P 1'
#
loop_
_entity.id
_entity.type
_entity.pdbx_description
1 polymer 'Protein argonaute-2'
2 non-polymer 'PHOSPHATE ION'
3 non-polymer GLYCEROL
4 water water
#
_entity_poly.entity_id   1
_entity_poly.type   'polypeptide(L)'
_entity_poly.pdbx_seq_one_letter_code
;SNKQFHTGIEIKVWAIACFAPQRQCTEVHLKSFTEQLRKISRDAG(MSE)PIQGQPCFCKYAQGADSVEP(MSE)FRHLK
NTYAGLQLVVVILPGKTPVYAEVKRVGDTVLG(MSE)ATQCVQ(MSE)KNVQRTTPQTLSNLCLKINVKLGGVN
;
_entity_poly.pdbx_strand_id   A,B,C
#
loop_
_chem_comp.id
_chem_comp.type
_chem_comp.name
_chem_comp.formula
GOL non-polymer GLYCEROL 'C3 H8 O3'
PO4 non-polymer 'PHOSPHATE ION' 'O4 P -3'
#
# COMPACT_ATOMS: atom_id res chain seq x y z
N ASN A 2 -15.17 -35.72 0.76
CA ASN A 2 -14.09 -36.71 0.77
C ASN A 2 -14.36 -37.88 -0.19
N LYS A 3 -13.92 -37.72 -1.43
CA LYS A 3 -14.00 -38.76 -2.43
C LYS A 3 -12.61 -38.95 -3.02
N GLN A 4 -12.47 -39.97 -3.87
CA GLN A 4 -11.16 -40.27 -4.44
C GLN A 4 -10.75 -39.26 -5.51
N PHE A 5 -9.44 -39.06 -5.62
CA PHE A 5 -8.86 -38.18 -6.62
C PHE A 5 -8.98 -38.77 -8.03
N HIS A 6 -9.43 -37.96 -8.98
CA HIS A 6 -9.55 -38.37 -10.39
C HIS A 6 -8.32 -37.94 -11.18
N THR A 7 -7.74 -38.87 -11.92
CA THR A 7 -6.56 -38.56 -12.72
C THR A 7 -6.96 -38.20 -14.14
N GLY A 8 -6.03 -37.63 -14.89
CA GLY A 8 -6.27 -37.38 -16.30
C GLY A 8 -6.91 -36.05 -16.62
N ILE A 9 -7.23 -35.27 -15.59
CA ILE A 9 -7.76 -33.94 -15.79
C ILE A 9 -6.66 -32.98 -16.22
N GLU A 10 -6.92 -32.23 -17.28
CA GLU A 10 -6.05 -31.13 -17.72
C GLU A 10 -6.92 -29.93 -18.09
N ILE A 11 -6.77 -28.83 -17.34
CA ILE A 11 -7.58 -27.64 -17.57
C ILE A 11 -6.84 -26.60 -18.41
N LYS A 12 -7.08 -26.62 -19.72
CA LYS A 12 -6.39 -25.73 -20.66
C LYS A 12 -7.15 -24.43 -20.95
N VAL A 13 -8.48 -24.51 -21.00
CA VAL A 13 -9.29 -23.33 -21.28
C VAL A 13 -10.15 -22.96 -20.06
N TRP A 14 -9.78 -21.89 -19.39
CA TRP A 14 -10.53 -21.49 -18.21
C TRP A 14 -10.54 -19.99 -18.03
N ALA A 15 -11.47 -19.49 -17.23
CA ALA A 15 -11.68 -18.07 -17.08
C ALA A 15 -11.78 -17.64 -15.61
N ILE A 16 -11.38 -16.40 -15.35
CA ILE A 16 -11.62 -15.75 -14.07
C ILE A 16 -12.66 -14.65 -14.16
N ALA A 17 -13.65 -14.73 -13.29
CA ALA A 17 -14.62 -13.64 -13.13
C ALA A 17 -14.52 -13.11 -11.71
N CYS A 18 -13.96 -11.91 -11.55
CA CYS A 18 -13.73 -11.35 -10.22
C CYS A 18 -14.82 -10.38 -9.81
N PHE A 19 -15.66 -10.82 -8.88
CA PHE A 19 -16.72 -9.95 -8.35
C PHE A 19 -16.32 -9.13 -7.13
N ALA A 20 -15.06 -9.30 -6.71
CA ALA A 20 -14.48 -8.47 -5.67
C ALA A 20 -13.94 -7.20 -6.31
N PRO A 21 -13.96 -6.07 -5.57
CA PRO A 21 -13.48 -4.79 -6.08
C PRO A 21 -12.00 -4.88 -6.43
N GLN A 22 -11.62 -4.35 -7.59
CA GLN A 22 -10.23 -4.33 -8.01
C GLN A 22 -9.31 -3.66 -6.99
N ARG A 23 -9.81 -2.63 -6.30
CA ARG A 23 -8.96 -1.92 -5.34
C ARG A 23 -8.64 -2.79 -4.11
N GLN A 24 -9.43 -3.85 -3.89
CA GLN A 24 -9.15 -4.79 -2.80
C GLN A 24 -8.47 -6.09 -3.27
N CYS A 25 -8.85 -6.54 -4.46
CA CYS A 25 -8.27 -7.75 -5.04
C CYS A 25 -7.65 -7.35 -6.37
N THR A 26 -6.38 -6.94 -6.34
CA THR A 26 -5.76 -6.27 -7.48
C THR A 26 -5.27 -7.26 -8.54
N GLU A 27 -4.86 -6.73 -9.69
CA GLU A 27 -4.32 -7.57 -10.74
C GLU A 27 -3.18 -8.46 -10.25
N VAL A 28 -2.30 -7.92 -9.42
CA VAL A 28 -1.16 -8.72 -8.96
C VAL A 28 -1.62 -9.84 -8.00
N HIS A 29 -2.65 -9.56 -7.20
CA HIS A 29 -3.25 -10.61 -6.36
C HIS A 29 -3.76 -11.73 -7.24
N LEU A 30 -4.53 -11.39 -8.29
CA LEU A 30 -5.02 -12.40 -9.22
C LEU A 30 -3.87 -13.21 -9.86
N LYS A 31 -2.82 -12.53 -10.29
CA LYS A 31 -1.69 -13.20 -10.93
C LYS A 31 -0.98 -14.12 -9.97
N SER A 32 -0.79 -13.66 -8.75
CA SER A 32 -0.07 -14.45 -7.75
C SER A 32 -0.88 -15.70 -7.38
N PHE A 33 -2.16 -15.50 -7.12
CA PHE A 33 -3.07 -16.60 -6.82
C PHE A 33 -3.08 -17.63 -7.95
N THR A 34 -3.07 -17.15 -9.19
CA THR A 34 -3.14 -18.06 -10.32
C THR A 34 -1.85 -18.88 -10.38
N GLU A 35 -0.72 -18.20 -10.18
CA GLU A 35 0.56 -18.91 -10.20
C GLU A 35 0.65 -19.98 -9.12
N GLN A 36 0.16 -19.70 -7.91
CA GLN A 36 0.17 -20.70 -6.83
C GLN A 36 -0.76 -21.87 -7.15
N LEU A 37 -1.91 -21.58 -7.75
CA LEU A 37 -2.85 -22.61 -8.16
C LEU A 37 -2.27 -23.49 -9.28
N ARG A 38 -1.58 -22.87 -10.23
CA ARG A 38 -0.91 -23.60 -11.29
C ARG A 38 0.06 -24.65 -10.73
N LYS A 39 0.88 -24.24 -9.76
CA LYS A 39 1.93 -25.11 -9.27
C LYS A 39 1.39 -26.32 -8.49
N ILE A 40 0.44 -26.07 -7.58
CA ILE A 40 -0.09 -27.15 -6.75
C ILE A 40 -0.95 -28.12 -7.58
N SER A 41 -1.73 -27.60 -8.53
CA SER A 41 -2.56 -28.48 -9.35
C SER A 41 -1.67 -29.36 -10.23
N ARG A 42 -0.58 -28.79 -10.72
CA ARG A 42 0.40 -29.56 -11.50
C ARG A 42 0.97 -30.69 -10.66
N ASP A 43 1.43 -30.35 -9.45
CA ASP A 43 2.03 -31.33 -8.54
C ASP A 43 1.05 -32.46 -8.21
N ALA A 44 -0.23 -32.11 -8.17
CA ALA A 44 -1.30 -33.07 -7.86
C ALA A 44 -1.67 -33.94 -9.06
N GLY A 45 -1.23 -33.54 -10.25
CA GLY A 45 -1.55 -34.29 -11.45
C GLY A 45 -2.93 -33.93 -12.01
N MSE A 46 -3.35 -32.70 -11.75
CA MSE A 46 -4.54 -32.14 -12.38
C MSE A 46 -4.24 -30.71 -12.82
O MSE A 46 -4.87 -29.76 -12.38
CB MSE A 46 -5.73 -32.16 -11.41
CG MSE A 46 -5.37 -31.80 -9.98
SE MSE A 46 -6.94 -31.32 -8.89
CE MSE A 46 -7.47 -29.67 -9.81
N PRO A 47 -3.26 -30.56 -13.73
CA PRO A 47 -2.67 -29.27 -14.09
C PRO A 47 -3.65 -28.26 -14.64
N ILE A 48 -3.73 -27.08 -13.99
CA ILE A 48 -4.50 -25.96 -14.54
C ILE A 48 -3.49 -25.04 -15.20
N GLN A 49 -3.64 -24.78 -16.49
CA GLN A 49 -2.66 -23.93 -17.16
C GLN A 49 -2.63 -22.52 -16.58
N GLY A 50 -1.44 -21.92 -16.60
CA GLY A 50 -1.21 -20.63 -15.96
C GLY A 50 -1.95 -19.43 -16.54
N GLN A 51 -2.27 -19.46 -17.83
CA GLN A 51 -2.93 -18.32 -18.46
C GLN A 51 -4.42 -18.55 -18.70
N PRO A 52 -5.29 -17.84 -17.97
CA PRO A 52 -6.71 -17.99 -18.29
C PRO A 52 -7.03 -17.30 -19.60
N CYS A 53 -8.05 -17.79 -20.32
CA CYS A 53 -8.43 -17.16 -21.57
C CYS A 53 -9.09 -15.80 -21.38
N PHE A 54 -9.50 -15.49 -20.14
CA PHE A 54 -10.34 -14.34 -19.83
C PHE A 54 -10.18 -14.03 -18.34
N CYS A 55 -9.98 -12.76 -18.02
CA CYS A 55 -9.89 -12.32 -16.61
C CYS A 55 -10.39 -10.90 -16.51
N LYS A 56 -11.61 -10.75 -15.96
CA LYS A 56 -12.24 -9.44 -15.85
C LYS A 56 -12.94 -9.26 -14.50
N TYR A 57 -13.11 -8.01 -14.12
CA TYR A 57 -13.85 -7.63 -12.91
C TYR A 57 -15.31 -7.40 -13.26
N ALA A 58 -16.19 -7.60 -12.29
CA ALA A 58 -17.61 -7.34 -12.49
C ALA A 58 -18.23 -7.01 -11.16
N GLN A 59 -19.41 -6.39 -11.18
CA GLN A 59 -20.05 -5.98 -9.96
C GLN A 59 -21.51 -6.38 -9.95
N GLY A 60 -21.92 -7.04 -8.89
CA GLY A 60 -23.33 -7.31 -8.68
C GLY A 60 -23.87 -8.55 -9.33
N ALA A 61 -24.84 -9.16 -8.68
CA ALA A 61 -25.46 -10.37 -9.23
C ALA A 61 -26.03 -10.21 -10.65
N ASP A 62 -26.59 -9.05 -10.98
CA ASP A 62 -27.13 -8.87 -12.33
C ASP A 62 -26.08 -8.92 -13.44
N SER A 63 -24.81 -8.80 -13.10
CA SER A 63 -23.77 -8.90 -14.14
C SER A 63 -23.41 -10.34 -14.49
N VAL A 64 -23.82 -11.29 -13.65
CA VAL A 64 -23.43 -12.69 -13.84
C VAL A 64 -23.95 -13.31 -15.15
N GLU A 65 -25.25 -13.23 -15.40
CA GLU A 65 -25.79 -13.88 -16.58
C GLU A 65 -25.21 -13.31 -17.89
N PRO A 66 -25.20 -11.98 -18.05
CA PRO A 66 -24.59 -11.41 -19.27
C PRO A 66 -23.14 -11.86 -19.46
N MSE A 67 -22.35 -11.87 -18.39
CA MSE A 67 -20.95 -12.31 -18.51
C MSE A 67 -20.81 -13.79 -18.86
O MSE A 67 -20.04 -14.17 -19.77
CB MSE A 67 -20.13 -11.95 -17.24
CG MSE A 67 -18.70 -12.51 -17.27
SE MSE A 67 -17.65 -11.69 -15.83
CE MSE A 67 -17.31 -9.96 -16.66
N PHE A 68 -21.56 -14.66 -18.18
CA PHE A 68 -21.48 -16.07 -18.48
C PHE A 68 -21.95 -16.43 -19.90
N ARG A 69 -22.99 -15.74 -20.38
CA ARG A 69 -23.41 -15.92 -21.76
C ARG A 69 -22.32 -15.50 -22.71
N HIS A 70 -21.66 -14.38 -22.39
CA HIS A 70 -20.55 -13.91 -23.22
C HIS A 70 -19.41 -14.95 -23.25
N LEU A 71 -19.09 -15.51 -22.09
CA LEU A 71 -18.05 -16.55 -22.02
C LEU A 71 -18.40 -17.74 -22.90
N LYS A 72 -19.64 -18.22 -22.76
CA LYS A 72 -20.08 -19.38 -23.51
C LYS A 72 -20.06 -19.10 -25.02
N ASN A 73 -20.41 -17.88 -25.39
CA ASN A 73 -20.47 -17.50 -26.81
C ASN A 73 -19.13 -17.17 -27.45
N THR A 74 -18.07 -17.10 -26.65
CA THR A 74 -16.80 -16.55 -27.10
C THR A 74 -15.68 -17.59 -27.09
N TYR A 75 -15.63 -18.40 -26.03
CA TYR A 75 -14.50 -19.30 -25.81
C TYR A 75 -14.84 -20.75 -26.01
N ALA A 76 -14.51 -21.27 -27.20
CA ALA A 76 -14.74 -22.66 -27.46
C ALA A 76 -13.89 -23.53 -26.53
N GLY A 77 -14.49 -24.61 -26.03
CA GLY A 77 -13.78 -25.56 -25.19
C GLY A 77 -13.59 -25.08 -23.75
N LEU A 78 -14.29 -24.01 -23.37
CA LEU A 78 -14.20 -23.49 -22.01
C LEU A 78 -14.54 -24.59 -21.00
N GLN A 79 -13.65 -24.83 -20.04
CA GLN A 79 -13.81 -25.96 -19.12
C GLN A 79 -14.25 -25.53 -17.72
N LEU A 80 -13.94 -24.30 -17.36
CA LEU A 80 -14.13 -23.84 -15.97
C LEU A 80 -14.14 -22.33 -15.88
N VAL A 81 -15.04 -21.81 -15.07
CA VAL A 81 -14.97 -20.41 -14.66
C VAL A 81 -14.73 -20.33 -13.16
N VAL A 82 -13.62 -19.70 -12.79
CA VAL A 82 -13.33 -19.45 -11.40
C VAL A 82 -13.93 -18.10 -10.98
N VAL A 83 -14.76 -18.10 -9.95
CA VAL A 83 -15.47 -16.89 -9.53
C VAL A 83 -14.99 -16.41 -8.17
N ILE A 84 -14.39 -15.22 -8.13
CA ILE A 84 -13.90 -14.64 -6.87
C ILE A 84 -15.00 -13.83 -6.21
N LEU A 85 -15.37 -14.19 -4.98
CA LEU A 85 -16.47 -13.49 -4.29
C LEU A 85 -15.98 -12.67 -3.11
N PRO A 86 -16.55 -11.47 -2.93
CA PRO A 86 -16.23 -10.62 -1.78
C PRO A 86 -17.10 -10.95 -0.56
N GLY A 87 -16.81 -12.04 0.13
CA GLY A 87 -17.57 -12.43 1.30
C GLY A 87 -18.95 -12.99 0.96
N LYS A 88 -19.91 -12.73 1.84
CA LYS A 88 -21.29 -13.20 1.68
C LYS A 88 -22.07 -12.25 0.79
N THR A 89 -22.63 -12.79 -0.28
CA THR A 89 -23.17 -11.99 -1.37
C THR A 89 -24.17 -12.81 -2.16
N PRO A 90 -25.20 -12.16 -2.70
CA PRO A 90 -26.18 -12.83 -3.57
C PRO A 90 -25.54 -13.28 -4.87
N VAL A 91 -24.31 -12.83 -5.14
CA VAL A 91 -23.62 -13.26 -6.35
C VAL A 91 -23.51 -14.77 -6.40
N TYR A 92 -23.25 -15.40 -5.25
CA TYR A 92 -23.03 -16.84 -5.21
C TYR A 92 -24.24 -17.60 -5.74
N ALA A 93 -25.41 -17.28 -5.21
CA ALA A 93 -26.65 -17.92 -5.64
C ALA A 93 -26.89 -17.74 -7.15
N GLU A 94 -26.55 -16.57 -7.68
CA GLU A 94 -26.76 -16.30 -9.10
C GLU A 94 -25.76 -17.04 -10.00
N VAL A 95 -24.52 -17.14 -9.57
CA VAL A 95 -23.52 -17.94 -10.28
C VAL A 95 -24.00 -19.40 -10.40
N LYS A 96 -24.54 -19.94 -9.32
CA LYS A 96 -25.03 -21.31 -9.34
C LYS A 96 -26.27 -21.49 -10.23
N ARG A 97 -27.19 -20.54 -10.18
CA ARG A 97 -28.36 -20.59 -11.05
C ARG A 97 -27.98 -20.56 -12.52
N VAL A 98 -27.15 -19.60 -12.89
CA VAL A 98 -26.74 -19.45 -14.29
C VAL A 98 -25.85 -20.59 -14.79
N GLY A 99 -24.85 -20.96 -14.00
CA GLY A 99 -23.95 -22.03 -14.37
C GLY A 99 -24.56 -23.42 -14.38
N ASP A 100 -25.23 -23.80 -13.29
CA ASP A 100 -25.73 -25.15 -13.12
C ASP A 100 -27.07 -25.40 -13.80
N THR A 101 -27.89 -24.36 -13.94
CA THR A 101 -29.23 -24.58 -14.45
C THR A 101 -29.48 -23.98 -15.83
N VAL A 102 -28.98 -22.76 -16.05
CA VAL A 102 -29.28 -22.08 -17.30
C VAL A 102 -28.36 -22.46 -18.46
N LEU A 103 -27.05 -22.48 -18.22
CA LEU A 103 -26.08 -22.62 -19.30
C LEU A 103 -25.30 -23.92 -19.27
N GLY A 104 -25.34 -24.60 -18.12
CA GLY A 104 -24.59 -25.84 -17.97
C GLY A 104 -23.10 -25.61 -18.11
N MSE A 105 -22.59 -24.71 -17.29
CA MSE A 105 -21.16 -24.36 -17.27
C MSE A 105 -20.56 -24.62 -15.89
O MSE A 105 -21.13 -24.21 -14.86
CB MSE A 105 -21.00 -22.86 -17.58
CG MSE A 105 -21.29 -22.48 -19.01
SE MSE A 105 -21.45 -20.55 -19.18
CE MSE A 105 -19.88 -19.99 -18.14
N ALA A 106 -19.41 -25.27 -15.86
CA ALA A 106 -18.73 -25.58 -14.60
C ALA A 106 -18.17 -24.31 -13.98
N THR A 107 -18.48 -24.09 -12.71
CA THR A 107 -18.00 -22.92 -12.00
C THR A 107 -17.48 -23.34 -10.65
N GLN A 108 -16.45 -22.65 -10.20
CA GLN A 108 -15.90 -22.85 -8.87
C GLN A 108 -15.69 -21.51 -8.21
N CYS A 109 -16.35 -21.29 -7.08
CA CYS A 109 -16.19 -20.04 -6.35
C CYS A 109 -15.04 -20.13 -5.36
N VAL A 110 -14.39 -19.00 -5.14
CA VAL A 110 -13.34 -18.89 -4.12
C VAL A 110 -13.51 -17.53 -3.45
N GLN A 111 -13.24 -17.48 -2.15
CA GLN A 111 -13.39 -16.25 -1.39
C GLN A 111 -12.22 -15.30 -1.65
N MSE A 112 -12.53 -14.02 -1.73
CA MSE A 112 -11.55 -12.96 -1.98
C MSE A 112 -10.35 -13.04 -1.02
O MSE A 112 -9.19 -12.88 -1.45
CB MSE A 112 -12.21 -11.59 -1.86
CG MSE A 112 -11.26 -10.42 -1.95
SE MSE A 112 -12.13 -8.70 -1.54
CE MSE A 112 -12.26 -8.91 0.40
N LYS A 113 -10.61 -13.26 0.25
CA LYS A 113 -9.50 -13.36 1.20
C LYS A 113 -8.48 -14.45 0.89
N ASN A 114 -8.93 -15.54 0.26
CA ASN A 114 -8.05 -16.65 -0.07
C ASN A 114 -7.33 -16.46 -1.41
N VAL A 115 -7.76 -15.44 -2.14
CA VAL A 115 -7.04 -14.99 -3.32
C VAL A 115 -5.99 -13.97 -2.92
N GLN A 116 -6.34 -13.06 -2.00
CA GLN A 116 -5.42 -12.03 -1.51
C GLN A 116 -4.22 -12.66 -0.82
N ARG A 117 -4.47 -13.62 0.07
CA ARG A 117 -3.43 -14.37 0.77
C ARG A 117 -3.73 -15.85 0.67
N THR A 118 -2.93 -16.57 -0.11
CA THR A 118 -3.16 -18.00 -0.27
C THR A 118 -2.46 -18.81 0.82
N THR A 119 -2.91 -20.05 1.03
CA THR A 119 -2.14 -21.02 1.79
C THR A 119 -2.18 -22.35 1.05
N PRO A 120 -1.19 -23.23 1.29
CA PRO A 120 -1.28 -24.56 0.68
C PRO A 120 -2.61 -25.23 0.99
N GLN A 121 -3.07 -25.14 2.24
CA GLN A 121 -4.32 -25.80 2.60
C GLN A 121 -5.54 -25.25 1.84
N THR A 122 -5.66 -23.94 1.71
CA THR A 122 -6.79 -23.38 0.96
C THR A 122 -6.68 -23.64 -0.55
N LEU A 123 -5.46 -23.72 -1.08
CA LEU A 123 -5.29 -24.06 -2.50
C LEU A 123 -5.65 -25.52 -2.74
N SER A 124 -5.25 -26.38 -1.80
CA SER A 124 -5.62 -27.78 -1.85
C SER A 124 -7.13 -27.93 -1.81
N ASN A 125 -7.79 -27.17 -0.94
CA ASN A 125 -9.24 -27.22 -0.81
C ASN A 125 -9.88 -26.97 -2.17
N LEU A 126 -9.38 -25.96 -2.86
CA LEU A 126 -9.87 -25.56 -4.17
C LEU A 126 -9.62 -26.62 -5.23
N CYS A 127 -8.41 -27.18 -5.27
CA CYS A 127 -8.11 -28.24 -6.23
C CYS A 127 -9.05 -29.43 -6.10
N LEU A 128 -9.31 -29.81 -4.86
CA LEU A 128 -10.16 -30.96 -4.59
C LEU A 128 -11.59 -30.70 -5.05
N LYS A 129 -12.08 -29.47 -4.82
CA LYS A 129 -13.41 -29.08 -5.31
C LYS A 129 -13.47 -29.14 -6.83
N ILE A 130 -12.46 -28.58 -7.49
CA ILE A 130 -12.37 -28.61 -8.95
C ILE A 130 -12.27 -30.06 -9.46
N ASN A 131 -11.48 -30.89 -8.78
CA ASN A 131 -11.32 -32.29 -9.16
C ASN A 131 -12.66 -33.05 -9.12
N VAL A 132 -13.44 -32.81 -8.08
CA VAL A 132 -14.77 -33.43 -7.97
C VAL A 132 -15.69 -33.00 -9.10
N LYS A 133 -15.72 -31.70 -9.38
CA LYS A 133 -16.61 -31.16 -10.41
C LYS A 133 -16.26 -31.69 -11.81
N LEU A 134 -14.98 -31.71 -12.14
CA LEU A 134 -14.57 -32.04 -13.50
C LEU A 134 -14.23 -33.51 -13.71
N GLY A 135 -14.14 -34.28 -12.62
CA GLY A 135 -13.57 -35.61 -12.68
C GLY A 135 -14.37 -36.76 -13.25
N GLY A 136 -15.67 -36.81 -12.96
CA GLY A 136 -16.46 -37.97 -13.34
C GLY A 136 -17.31 -37.75 -14.58
N VAL A 137 -16.83 -36.91 -15.49
CA VAL A 137 -17.64 -36.46 -16.62
C VAL A 137 -17.17 -37.08 -17.93
N LYS B 3 3.42 -13.17 -19.58
CA LYS B 3 4.60 -13.85 -19.06
C LYS B 3 4.28 -14.52 -17.71
N GLN B 4 5.07 -15.51 -17.35
CA GLN B 4 4.83 -16.21 -16.10
C GLN B 4 5.07 -15.28 -14.93
N PHE B 5 4.25 -15.42 -13.88
CA PHE B 5 4.46 -14.69 -12.63
C PHE B 5 5.23 -15.59 -11.66
N HIS B 6 6.15 -15.01 -10.90
CA HIS B 6 7.01 -15.80 -10.04
C HIS B 6 6.68 -15.61 -8.55
N THR B 7 6.23 -16.67 -7.90
CA THR B 7 5.94 -16.59 -6.47
C THR B 7 7.01 -17.31 -5.66
N GLY B 8 7.08 -17.00 -4.37
CA GLY B 8 8.10 -17.62 -3.53
C GLY B 8 9.47 -16.99 -3.71
N ILE B 9 9.50 -15.73 -4.11
CA ILE B 9 10.75 -14.99 -4.23
C ILE B 9 10.82 -13.94 -3.13
N GLU B 10 12.04 -13.54 -2.77
CA GLU B 10 12.22 -12.60 -1.68
C GLU B 10 13.17 -11.48 -2.09
N ILE B 11 12.72 -10.24 -1.96
CA ILE B 11 13.59 -9.13 -2.30
C ILE B 11 14.09 -8.50 -1.02
N LYS B 12 15.26 -8.92 -0.59
CA LYS B 12 15.78 -8.55 0.72
C LYS B 12 16.69 -7.34 0.69
N VAL B 13 17.41 -7.17 -0.42
CA VAL B 13 18.33 -6.05 -0.58
C VAL B 13 17.93 -5.16 -1.75
N TRP B 14 17.36 -4.01 -1.42
CA TRP B 14 16.88 -3.10 -2.44
C TRP B 14 17.09 -1.64 -2.03
N ALA B 15 17.09 -0.74 -3.02
CA ALA B 15 17.45 0.65 -2.82
C ALA B 15 16.46 1.58 -3.52
N ILE B 16 16.30 2.77 -2.97
CA ILE B 16 15.53 3.84 -3.62
C ILE B 16 16.45 4.97 -4.09
N ALA B 17 16.34 5.33 -5.36
CA ALA B 17 16.99 6.53 -5.88
C ALA B 17 15.89 7.47 -6.36
N CYS B 18 15.78 8.64 -5.72
CA CYS B 18 14.71 9.59 -6.04
C CYS B 18 15.25 10.76 -6.86
N PHE B 19 14.80 10.91 -8.10
CA PHE B 19 15.31 11.97 -8.98
C PHE B 19 14.39 13.19 -9.02
N ALA B 20 13.35 13.12 -8.21
CA ALA B 20 12.46 14.25 -8.00
C ALA B 20 12.87 14.94 -6.70
N PRO B 21 12.76 16.27 -6.63
CA PRO B 21 13.25 17.02 -5.46
C PRO B 21 12.60 16.60 -4.13
N GLN B 22 13.35 16.65 -3.03
CA GLN B 22 12.79 16.29 -1.72
C GLN B 22 11.55 17.12 -1.37
N ARG B 23 11.52 18.37 -1.83
CA ARG B 23 10.39 19.25 -1.56
C ARG B 23 9.08 18.65 -2.06
N GLN B 24 9.15 17.90 -3.14
CA GLN B 24 7.93 17.35 -3.73
C GLN B 24 7.70 15.90 -3.29
N CYS B 25 8.79 15.16 -3.06
CA CYS B 25 8.69 13.80 -2.61
C CYS B 25 9.45 13.64 -1.30
N THR B 26 8.75 13.86 -0.18
CA THR B 26 9.37 13.96 1.14
C THR B 26 9.55 12.61 1.79
N GLU B 27 10.20 12.61 2.94
CA GLU B 27 10.46 11.39 3.71
C GLU B 27 9.16 10.66 4.04
N VAL B 28 8.14 11.40 4.46
CA VAL B 28 6.90 10.75 4.84
C VAL B 28 6.21 10.09 3.64
N HIS B 29 6.34 10.70 2.45
CA HIS B 29 5.81 10.09 1.24
C HIS B 29 6.52 8.78 0.95
N LEU B 30 7.84 8.78 1.07
CA LEU B 30 8.66 7.60 0.79
C LEU B 30 8.40 6.47 1.77
N LYS B 31 8.20 6.81 3.04
CA LYS B 31 7.97 5.79 4.06
C LYS B 31 6.58 5.15 3.98
N SER B 32 5.54 5.94 3.68
CA SER B 32 4.22 5.35 3.51
C SER B 32 4.16 4.51 2.25
N PHE B 33 4.74 5.01 1.16
CA PHE B 33 4.85 4.25 -0.08
C PHE B 33 5.54 2.89 0.17
N THR B 34 6.66 2.93 0.90
CA THR B 34 7.42 1.72 1.17
C THR B 34 6.61 0.73 2.00
N GLU B 35 5.86 1.23 2.99
CA GLU B 35 5.01 0.37 3.80
C GLU B 35 3.85 -0.25 3.01
N GLN B 36 3.25 0.51 2.10
CA GLN B 36 2.21 -0.04 1.24
C GLN B 36 2.78 -1.08 0.29
N LEU B 37 3.99 -0.83 -0.21
CA LEU B 37 4.61 -1.74 -1.16
C LEU B 37 5.02 -3.02 -0.43
N ARG B 38 5.37 -2.89 0.85
CA ARG B 38 5.71 -4.06 1.67
C ARG B 38 4.52 -5.02 1.77
N LYS B 39 3.35 -4.46 2.05
CA LYS B 39 2.17 -5.28 2.30
C LYS B 39 1.67 -5.98 1.04
N ILE B 40 1.58 -5.24 -0.05
CA ILE B 40 1.05 -5.84 -1.26
C ILE B 40 2.02 -6.86 -1.84
N SER B 41 3.32 -6.57 -1.82
CA SER B 41 4.30 -7.54 -2.37
C SER B 41 4.33 -8.82 -1.53
N ARG B 42 4.13 -8.68 -0.22
CA ARG B 42 4.01 -9.83 0.67
C ARG B 42 2.80 -10.69 0.30
N ASP B 43 1.64 -10.06 0.18
CA ASP B 43 0.40 -10.75 -0.27
C ASP B 43 0.65 -11.54 -1.54
N ALA B 44 1.41 -10.97 -2.47
CA ALA B 44 1.55 -11.53 -3.82
C ALA B 44 2.71 -12.53 -3.90
N GLY B 45 3.27 -12.89 -2.76
CA GLY B 45 4.29 -13.93 -2.71
C GLY B 45 5.62 -13.51 -3.28
N MSE B 46 5.86 -12.20 -3.29
CA MSE B 46 7.11 -11.61 -3.71
C MSE B 46 7.59 -10.52 -2.73
O MSE B 46 7.92 -9.41 -3.14
CB MSE B 46 6.99 -11.05 -5.13
CG MSE B 46 5.74 -10.17 -5.38
SE MSE B 46 5.86 -9.13 -7.01
CE MSE B 46 7.21 -7.82 -6.53
N PRO B 47 7.63 -10.85 -1.44
CA PRO B 47 7.81 -9.83 -0.40
C PRO B 47 9.06 -8.98 -0.61
N ILE B 48 8.87 -7.66 -0.60
CA ILE B 48 9.95 -6.70 -0.64
C ILE B 48 10.16 -6.21 0.80
N GLN B 49 11.40 -6.31 1.30
CA GLN B 49 11.74 -5.84 2.64
C GLN B 49 11.23 -4.43 2.91
N GLY B 50 10.60 -4.23 4.07
CA GLY B 50 10.10 -2.93 4.44
C GLY B 50 11.20 -1.88 4.59
N GLN B 51 12.47 -2.31 4.55
CA GLN B 51 13.57 -1.38 4.81
C GLN B 51 14.63 -1.38 3.70
N PRO B 52 14.69 -0.29 2.90
CA PRO B 52 15.70 -0.25 1.85
C PRO B 52 17.09 -0.05 2.43
N CYS B 53 18.11 -0.57 1.74
CA CYS B 53 19.48 -0.47 2.23
C CYS B 53 20.04 0.93 1.96
N PHE B 54 19.30 1.70 1.18
CA PHE B 54 19.79 2.97 0.65
C PHE B 54 18.60 3.74 0.08
N CYS B 55 18.45 4.99 0.51
CA CYS B 55 17.37 5.81 0.00
C CYS B 55 17.86 7.26 -0.08
N LYS B 56 18.18 7.72 -1.28
CA LYS B 56 18.76 9.06 -1.44
C LYS B 56 18.20 9.82 -2.63
N TYR B 57 18.39 11.14 -2.60
CA TYR B 57 17.97 12.01 -3.70
C TYR B 57 19.12 12.31 -4.65
N ALA B 58 18.80 12.52 -5.92
CA ALA B 58 19.77 12.97 -6.91
C ALA B 58 19.07 13.78 -7.98
N GLN B 59 19.83 14.53 -8.77
CA GLN B 59 19.25 15.29 -9.87
C GLN B 59 20.10 15.20 -11.13
N GLY B 60 19.45 15.03 -12.27
CA GLY B 60 20.13 15.05 -13.55
C GLY B 60 20.68 13.70 -14.00
N ALA B 61 20.76 13.53 -15.31
CA ALA B 61 21.25 12.30 -15.90
C ALA B 61 22.68 11.98 -15.47
N ASP B 62 23.50 13.02 -15.32
CA ASP B 62 24.91 12.84 -14.98
C ASP B 62 25.15 12.23 -13.59
N SER B 63 24.14 12.27 -12.72
CA SER B 63 24.30 11.76 -11.36
C SER B 63 24.05 10.25 -11.30
N VAL B 64 23.57 9.68 -12.40
CA VAL B 64 23.14 8.29 -12.41
C VAL B 64 24.31 7.30 -12.25
N GLU B 65 25.26 7.36 -13.18
CA GLU B 65 26.34 6.38 -13.18
C GLU B 65 27.16 6.37 -11.90
N PRO B 66 27.65 7.55 -11.48
CA PRO B 66 28.37 7.64 -10.20
C PRO B 66 27.61 7.03 -9.02
N MSE B 67 26.28 7.17 -9.00
CA MSE B 67 25.50 6.64 -7.89
C MSE B 67 25.27 5.13 -7.98
O MSE B 67 25.33 4.43 -6.97
CB MSE B 67 24.15 7.36 -7.76
CG MSE B 67 23.39 6.95 -6.50
SE MSE B 67 21.63 7.81 -6.38
CE MSE B 67 20.90 7.17 -8.07
N PHE B 68 25.01 4.64 -9.19
CA PHE B 68 24.76 3.22 -9.40
C PHE B 68 26.03 2.39 -9.18
N ARG B 69 27.15 2.88 -9.73
CA ARG B 69 28.44 2.25 -9.46
C ARG B 69 28.69 2.16 -7.96
N HIS B 70 28.29 3.19 -7.23
CA HIS B 70 28.42 3.18 -5.77
C HIS B 70 27.55 2.12 -5.13
N LEU B 71 26.32 1.99 -5.62
CA LEU B 71 25.42 0.98 -5.08
C LEU B 71 25.99 -0.40 -5.33
N LYS B 72 26.54 -0.61 -6.51
CA LYS B 72 27.08 -1.91 -6.88
C LYS B 72 28.25 -2.29 -5.97
N ASN B 73 29.17 -1.35 -5.78
CA ASN B 73 30.38 -1.60 -5.00
C ASN B 73 30.14 -1.70 -3.50
N THR B 74 29.03 -1.17 -3.04
CA THR B 74 28.77 -1.05 -1.62
C THR B 74 27.80 -2.09 -1.09
N TYR B 75 26.82 -2.47 -1.91
CA TYR B 75 25.78 -3.38 -1.46
C TYR B 75 25.81 -4.72 -2.18
N ALA B 76 26.57 -5.66 -1.64
CA ALA B 76 26.63 -6.98 -2.24
C ALA B 76 25.25 -7.63 -2.16
N GLY B 77 24.84 -8.27 -3.26
CA GLY B 77 23.56 -8.97 -3.29
C GLY B 77 22.38 -8.04 -3.51
N LEU B 78 22.67 -6.80 -3.89
CA LEU B 78 21.62 -5.83 -4.23
C LEU B 78 20.76 -6.42 -5.35
N GLN B 79 19.45 -6.48 -5.14
CA GLN B 79 18.54 -7.11 -6.08
C GLN B 79 17.76 -6.15 -6.98
N LEU B 80 17.53 -4.94 -6.50
CA LEU B 80 16.67 -4.01 -7.22
C LEU B 80 16.91 -2.58 -6.79
N VAL B 81 16.86 -1.66 -7.73
CA VAL B 81 16.83 -0.23 -7.42
C VAL B 81 15.53 0.33 -7.94
N VAL B 82 14.72 0.90 -7.05
CA VAL B 82 13.48 1.56 -7.42
C VAL B 82 13.83 3.02 -7.69
N VAL B 83 13.57 3.47 -8.91
CA VAL B 83 13.95 4.80 -9.38
C VAL B 83 12.70 5.66 -9.50
N ILE B 84 12.63 6.73 -8.72
CA ILE B 84 11.46 7.62 -8.75
C ILE B 84 11.71 8.79 -9.70
N LEU B 85 10.85 8.94 -10.72
CA LEU B 85 10.96 10.02 -11.71
C LEU B 85 9.76 10.96 -11.66
N PRO B 86 9.99 12.25 -11.93
CA PRO B 86 8.89 13.24 -11.98
C PRO B 86 8.05 13.16 -13.25
N GLY B 87 8.53 12.47 -14.27
CA GLY B 87 7.79 12.34 -15.52
C GLY B 87 8.72 12.03 -16.67
N LYS B 88 8.62 12.77 -17.77
CA LYS B 88 9.55 12.59 -18.88
C LYS B 88 10.87 13.22 -18.47
N THR B 89 11.96 12.50 -18.66
CA THR B 89 13.27 13.04 -18.31
C THR B 89 14.39 12.22 -18.95
N PRO B 90 15.51 12.88 -19.31
CA PRO B 90 16.67 12.15 -19.84
C PRO B 90 17.25 11.15 -18.83
N VAL B 91 16.91 11.30 -17.55
CA VAL B 91 17.34 10.32 -16.56
C VAL B 91 16.88 8.90 -16.91
N TYR B 92 15.66 8.78 -17.44
CA TYR B 92 15.13 7.47 -17.78
C TYR B 92 16.11 6.71 -18.68
N ALA B 93 16.47 7.33 -19.80
CA ALA B 93 17.39 6.69 -20.75
C ALA B 93 18.73 6.36 -20.11
N GLU B 94 19.19 7.21 -19.21
CA GLU B 94 20.49 7.00 -18.56
C GLU B 94 20.45 5.83 -17.60
N VAL B 95 19.37 5.75 -16.82
CA VAL B 95 19.20 4.66 -15.88
C VAL B 95 19.23 3.34 -16.63
N LYS B 96 18.50 3.27 -17.74
CA LYS B 96 18.49 2.09 -18.59
C LYS B 96 19.86 1.80 -19.20
N ARG B 97 20.52 2.83 -19.73
CA ARG B 97 21.87 2.65 -20.27
C ARG B 97 22.81 2.07 -19.23
N VAL B 98 22.89 2.72 -18.08
CA VAL B 98 23.80 2.29 -17.02
C VAL B 98 23.43 0.91 -16.46
N GLY B 99 22.16 0.72 -16.13
CA GLY B 99 21.70 -0.50 -15.51
C GLY B 99 21.69 -1.72 -16.42
N ASP B 100 21.09 -1.58 -17.59
CA ASP B 100 20.98 -2.69 -18.54
C ASP B 100 22.30 -3.00 -19.22
N THR B 101 23.10 -1.97 -19.47
CA THR B 101 24.22 -2.07 -20.41
C THR B 101 25.62 -1.99 -19.78
N VAL B 102 25.76 -1.16 -18.73
CA VAL B 102 27.07 -0.94 -18.11
C VAL B 102 27.40 -1.69 -16.80
N LEU B 103 26.48 -1.67 -15.83
CA LEU B 103 26.68 -2.31 -14.55
C LEU B 103 25.93 -3.64 -14.38
N GLY B 104 24.97 -3.90 -15.25
CA GLY B 104 24.15 -5.09 -15.16
C GLY B 104 23.34 -5.14 -13.88
N MSE B 105 22.57 -4.08 -13.65
CA MSE B 105 21.79 -3.93 -12.42
C MSE B 105 20.31 -3.80 -12.71
O MSE B 105 19.91 -3.00 -13.55
CB MSE B 105 22.26 -2.70 -11.64
CG MSE B 105 23.73 -2.72 -11.25
SE MSE B 105 24.24 -0.98 -10.50
CE MSE B 105 22.91 -0.85 -9.08
N ALA B 106 19.49 -4.57 -12.00
CA ALA B 106 18.05 -4.51 -12.21
C ALA B 106 17.48 -3.19 -11.66
N THR B 107 16.71 -2.50 -12.48
CA THR B 107 16.09 -1.24 -12.07
C THR B 107 14.61 -1.18 -12.45
N GLN B 108 13.83 -0.47 -11.65
CA GLN B 108 12.42 -0.28 -11.94
C GLN B 108 11.99 1.16 -11.65
N CYS B 109 11.61 1.88 -12.70
CA CYS B 109 11.12 3.24 -12.52
C CYS B 109 9.68 3.29 -12.02
N VAL B 110 9.39 4.32 -11.23
CA VAL B 110 8.05 4.61 -10.73
C VAL B 110 7.83 6.12 -10.82
N GLN B 111 6.59 6.54 -11.11
CA GLN B 111 6.29 7.96 -11.21
C GLN B 111 6.08 8.58 -9.83
N MSE B 112 6.64 9.76 -9.64
CA MSE B 112 6.59 10.45 -8.37
C MSE B 112 5.15 10.63 -7.84
O MSE B 112 4.90 10.48 -6.66
CB MSE B 112 7.30 11.81 -8.51
CG MSE B 112 6.96 12.85 -7.47
SE MSE B 112 7.52 14.60 -8.15
CE MSE B 112 8.71 15.07 -6.70
N LYS B 113 4.22 10.93 -8.73
CA LYS B 113 2.83 11.17 -8.31
C LYS B 113 2.23 9.93 -7.64
N ASN B 114 2.71 8.76 -8.05
CA ASN B 114 2.26 7.51 -7.45
C ASN B 114 2.99 7.12 -6.17
N VAL B 115 4.01 7.90 -5.80
CA VAL B 115 4.68 7.76 -4.51
C VAL B 115 4.02 8.72 -3.52
N GLN B 116 3.72 9.92 -4.02
CA GLN B 116 3.06 10.95 -3.21
C GLN B 116 1.72 10.50 -2.66
N ARG B 117 0.95 9.83 -3.50
CA ARG B 117 -0.35 9.30 -3.10
C ARG B 117 -0.49 7.96 -3.78
N THR B 118 -0.48 6.89 -2.99
CA THR B 118 -0.52 5.54 -3.57
C THR B 118 -1.95 5.10 -3.82
N THR B 119 -2.12 4.15 -4.74
CA THR B 119 -3.36 3.45 -4.92
C THR B 119 -3.05 1.96 -5.06
N PRO B 120 -3.98 1.09 -4.66
CA PRO B 120 -3.73 -0.35 -4.82
C PRO B 120 -3.40 -0.69 -6.27
N GLN B 121 -4.07 -0.04 -7.22
CA GLN B 121 -3.85 -0.35 -8.62
C GLN B 121 -2.44 0.01 -9.11
N THR B 122 -1.93 1.16 -8.70
CA THR B 122 -0.58 1.55 -9.13
C THR B 122 0.51 0.75 -8.41
N LEU B 123 0.27 0.40 -7.16
CA LEU B 123 1.19 -0.51 -6.45
C LEU B 123 1.23 -1.89 -7.12
N SER B 124 0.06 -2.38 -7.52
CA SER B 124 -0.04 -3.64 -8.27
C SER B 124 0.72 -3.57 -9.60
N ASN B 125 0.53 -2.47 -10.32
CA ASN B 125 1.25 -2.19 -11.57
C ASN B 125 2.75 -2.34 -11.37
N LEU B 126 3.25 -1.70 -10.32
CA LEU B 126 4.67 -1.72 -9.98
C LEU B 126 5.16 -3.12 -9.64
N CYS B 127 4.40 -3.85 -8.82
CA CYS B 127 4.75 -5.23 -8.47
C CYS B 127 4.84 -6.14 -9.68
N LEU B 128 3.87 -6.01 -10.59
CA LEU B 128 3.89 -6.86 -11.79
C LEU B 128 5.14 -6.57 -12.61
N LYS B 129 5.48 -5.28 -12.75
CA LYS B 129 6.68 -4.90 -13.49
C LYS B 129 7.95 -5.42 -12.84
N ILE B 130 8.04 -5.26 -11.51
CA ILE B 130 9.20 -5.76 -10.77
C ILE B 130 9.35 -7.27 -10.94
N ASN B 131 8.23 -7.99 -10.91
CA ASN B 131 8.29 -9.43 -10.93
C ASN B 131 8.88 -9.97 -12.23
N VAL B 132 8.50 -9.35 -13.35
CA VAL B 132 9.06 -9.72 -14.64
C VAL B 132 10.60 -9.58 -14.62
N LYS B 133 11.09 -8.50 -14.01
CA LYS B 133 12.52 -8.19 -14.02
C LYS B 133 13.38 -9.02 -13.07
N LEU B 134 12.78 -9.62 -12.07
CA LEU B 134 13.55 -10.33 -11.05
C LEU B 134 13.28 -11.81 -11.14
N GLY B 135 12.17 -12.18 -11.77
CA GLY B 135 11.74 -13.57 -11.82
C GLY B 135 12.61 -14.41 -12.75
N GLN C 4 9.73 1.93 10.79
CA GLN C 4 8.87 1.88 9.61
C GLN C 4 7.50 2.51 9.85
N PHE C 5 6.86 2.94 8.77
CA PHE C 5 5.60 3.66 8.84
C PHE C 5 4.49 2.73 9.33
N HIS C 6 3.60 3.26 10.16
CA HIS C 6 2.42 2.54 10.63
C HIS C 6 1.17 2.96 9.85
N THR C 7 0.42 1.95 9.44
CA THR C 7 -0.78 2.13 8.65
C THR C 7 -2.01 2.13 9.57
N GLY C 8 -3.13 2.65 9.09
CA GLY C 8 -4.38 2.59 9.85
C GLY C 8 -4.59 3.65 10.91
N ILE C 9 -3.68 4.62 10.97
CA ILE C 9 -3.82 5.70 11.93
C ILE C 9 -4.81 6.74 11.41
N GLU C 10 -5.76 7.14 12.25
CA GLU C 10 -6.68 8.23 11.91
C GLU C 10 -6.82 9.15 13.12
N ILE C 11 -6.42 10.41 12.97
CA ILE C 11 -6.51 11.34 14.10
C ILE C 11 -7.82 12.11 13.98
N LYS C 12 -8.80 11.71 14.78
CA LYS C 12 -10.11 12.35 14.72
C LYS C 12 -10.24 13.42 15.79
N VAL C 13 -9.65 13.18 16.96
CA VAL C 13 -9.82 14.11 18.07
C VAL C 13 -8.47 14.66 18.52
N TRP C 14 -8.22 15.93 18.21
CA TRP C 14 -6.93 16.52 18.53
C TRP C 14 -7.06 18.02 18.77
N ALA C 15 -6.07 18.57 19.45
CA ALA C 15 -6.13 19.95 19.91
C ALA C 15 -4.81 20.65 19.63
N ILE C 16 -4.89 21.96 19.55
CA ILE C 16 -3.73 22.82 19.42
C ILE C 16 -3.59 23.69 20.66
N ALA C 17 -2.41 23.72 21.24
CA ALA C 17 -2.11 24.59 22.37
C ALA C 17 -0.95 25.46 21.95
N CYS C 18 -1.24 26.73 21.69
CA CYS C 18 -0.22 27.61 21.14
C CYS C 18 0.42 28.48 22.23
N PHE C 19 1.68 28.19 22.54
CA PHE C 19 2.42 28.94 23.53
C PHE C 19 3.23 30.08 22.91
N ALA C 20 3.18 30.18 21.59
CA ALA C 20 3.73 31.34 20.90
C ALA C 20 2.74 32.52 21.00
N PRO C 21 3.27 33.75 21.07
CA PRO C 21 2.39 34.93 21.13
C PRO C 21 1.45 35.03 19.93
N GLN C 22 0.18 35.34 20.18
CA GLN C 22 -0.78 35.48 19.10
C GLN C 22 -0.34 36.51 18.07
N ARG C 23 0.30 37.58 18.54
CA ARG C 23 0.73 38.65 17.64
C ARG C 23 1.76 38.12 16.63
N GLN C 24 2.41 37.01 16.94
CA GLN C 24 3.39 36.45 16.02
C GLN C 24 2.82 35.27 15.27
N CYS C 25 1.94 34.53 15.92
CA CYS C 25 1.36 33.33 15.34
C CYS C 25 -0.16 33.44 15.38
N THR C 26 -0.73 34.06 14.35
CA THR C 26 -2.14 34.45 14.41
C THR C 26 -3.05 33.28 14.11
N GLU C 27 -4.34 33.46 14.34
CA GLU C 27 -5.33 32.44 14.03
C GLU C 27 -5.28 32.01 12.55
N VAL C 28 -5.12 32.96 11.64
CA VAL C 28 -5.04 32.58 10.22
C VAL C 28 -3.78 31.76 9.91
N HIS C 29 -2.67 32.07 10.59
CA HIS C 29 -1.46 31.27 10.51
C HIS C 29 -1.71 29.83 10.95
N LEU C 30 -2.42 29.67 12.07
CA LEU C 30 -2.71 28.32 12.59
C LEU C 30 -3.65 27.55 11.68
N LYS C 31 -4.67 28.23 11.15
CA LYS C 31 -5.63 27.55 10.29
C LYS C 31 -5.01 27.14 8.96
N SER C 32 -4.13 27.99 8.43
CA SER C 32 -3.43 27.66 7.20
C SER C 32 -2.46 26.50 7.41
N PHE C 33 -1.75 26.53 8.53
CA PHE C 33 -0.84 25.45 8.90
C PHE C 33 -1.62 24.12 9.00
N THR C 34 -2.78 24.19 9.64
CA THR C 34 -3.61 23.01 9.84
C THR C 34 -4.09 22.41 8.52
N GLU C 35 -4.54 23.27 7.61
CA GLU C 35 -4.94 22.79 6.29
C GLU C 35 -3.79 22.08 5.57
N GLN C 36 -2.57 22.61 5.66
CA GLN C 36 -1.44 21.98 4.97
C GLN C 36 -1.09 20.64 5.60
N LEU C 37 -1.17 20.59 6.92
CA LEU C 37 -0.91 19.33 7.65
C LEU C 37 -1.98 18.29 7.30
N ARG C 38 -3.21 18.75 7.22
CA ARG C 38 -4.33 17.93 6.79
C ARG C 38 -4.06 17.24 5.44
N LYS C 39 -3.62 18.03 4.46
CA LYS C 39 -3.37 17.53 3.12
C LYS C 39 -2.29 16.46 3.06
N ILE C 40 -1.12 16.75 3.59
CA ILE C 40 -0.01 15.81 3.52
C ILE C 40 -0.30 14.54 4.34
N SER C 41 -0.95 14.68 5.49
CA SER C 41 -1.24 13.52 6.34
C SER C 41 -2.26 12.61 5.66
N ARG C 42 -3.20 13.22 4.93
CA ARG C 42 -4.14 12.44 4.15
C ARG C 42 -3.43 11.69 3.02
N ASP C 43 -2.55 12.39 2.30
CA ASP C 43 -1.82 11.76 1.19
C ASP C 43 -0.98 10.57 1.65
N ALA C 44 -0.45 10.68 2.86
CA ALA C 44 0.42 9.65 3.43
C ALA C 44 -0.37 8.52 4.08
N GLY C 45 -1.69 8.65 4.15
CA GLY C 45 -2.51 7.61 4.74
C GLY C 45 -2.50 7.57 6.26
N MSE C 46 -2.40 8.74 6.88
CA MSE C 46 -2.54 8.87 8.33
C MSE C 46 -3.29 10.16 8.57
O MSE C 46 -2.78 11.08 9.22
CB MSE C 46 -1.19 8.90 9.04
CG MSE C 46 -0.20 9.89 8.45
SE MSE C 46 1.44 10.15 9.49
CE MSE C 46 2.58 10.61 7.99
N PRO C 47 -4.51 10.24 8.04
CA PRO C 47 -5.27 11.49 7.97
C PRO C 47 -5.46 12.13 9.34
N ILE C 48 -5.05 13.39 9.44
CA ILE C 48 -5.36 14.21 10.60
C ILE C 48 -6.54 15.09 10.22
N GLN C 49 -7.62 14.98 10.99
CA GLN C 49 -8.84 15.71 10.73
C GLN C 49 -8.61 17.23 10.70
N GLY C 50 -9.25 17.91 9.74
CA GLY C 50 -9.05 19.33 9.53
C GLY C 50 -9.47 20.24 10.67
N GLN C 51 -10.41 19.80 11.48
CA GLN C 51 -10.90 20.63 12.58
C GLN C 51 -10.46 20.11 13.95
N PRO C 52 -9.51 20.81 14.61
CA PRO C 52 -9.16 20.41 15.98
C PRO C 52 -10.31 20.74 16.92
N CYS C 53 -10.43 19.99 18.02
CA CYS C 53 -11.53 20.19 18.94
C CYS C 53 -11.31 21.42 19.83
N PHE C 54 -10.11 21.99 19.75
CA PHE C 54 -9.68 23.03 20.68
C PHE C 54 -8.43 23.67 20.10
N CYS C 55 -8.40 25.01 20.13
CA CYS C 55 -7.25 25.76 19.64
C CYS C 55 -7.20 27.08 20.40
N LYS C 56 -6.31 27.14 21.39
CA LYS C 56 -6.19 28.33 22.22
C LYS C 56 -4.74 28.69 22.50
N TYR C 57 -4.53 29.95 22.88
CA TYR C 57 -3.22 30.46 23.22
C TYR C 57 -3.00 30.38 24.73
N ALA C 58 -1.75 30.17 25.12
CA ALA C 58 -1.35 30.24 26.52
C ALA C 58 0.06 30.81 26.61
N GLN C 59 0.46 31.25 27.80
CA GLN C 59 1.76 31.86 27.95
C GLN C 59 2.44 31.32 29.20
N GLY C 60 3.67 30.83 29.04
CA GLY C 60 4.49 30.41 30.16
C GLY C 60 4.33 28.96 30.57
N ALA C 61 5.42 28.37 31.07
CA ALA C 61 5.39 27.02 31.58
C ALA C 61 4.32 26.81 32.65
N ASP C 62 4.04 27.86 33.43
CA ASP C 62 3.07 27.70 34.52
C ASP C 62 1.64 27.49 34.01
N SER C 63 1.40 27.81 32.73
CA SER C 63 0.08 27.64 32.13
C SER C 63 -0.19 26.23 31.65
N VAL C 64 0.87 25.41 31.59
CA VAL C 64 0.77 24.13 30.94
C VAL C 64 -0.17 23.18 31.67
N GLU C 65 0.05 22.95 32.96
CA GLU C 65 -0.71 21.91 33.64
C GLU C 65 -2.23 22.19 33.67
N PRO C 66 -2.63 23.43 34.02
CA PRO C 66 -4.06 23.74 34.05
C PRO C 66 -4.74 23.53 32.70
N MSE C 67 -4.08 23.95 31.63
CA MSE C 67 -4.65 23.78 30.30
C MSE C 67 -4.77 22.30 29.93
O MSE C 67 -5.82 21.87 29.46
CB MSE C 67 -3.84 24.53 29.24
CG MSE C 67 -4.27 24.21 27.83
SE MSE C 67 -3.56 25.47 26.54
CE MSE C 67 -4.66 27.03 26.98
N PHE C 68 -3.70 21.53 30.14
CA PHE C 68 -3.70 20.11 29.82
C PHE C 68 -4.73 19.34 30.65
N ARG C 69 -4.89 19.72 31.92
CA ARG C 69 -5.90 19.07 32.74
C ARG C 69 -7.29 19.33 32.19
N HIS C 70 -7.51 20.56 31.74
CA HIS C 70 -8.77 20.94 31.10
C HIS C 70 -9.04 20.14 29.83
N LEU C 71 -8.03 20.01 28.99
CA LEU C 71 -8.15 19.19 27.77
C LEU C 71 -8.53 17.74 28.11
N LYS C 72 -7.78 17.12 29.02
CA LYS C 72 -8.03 15.73 29.38
C LYS C 72 -9.45 15.54 29.92
N ASN C 73 -9.90 16.49 30.75
CA ASN C 73 -11.20 16.40 31.38
C ASN C 73 -12.38 16.72 30.46
N THR C 74 -12.11 17.47 29.39
CA THR C 74 -13.18 17.98 28.55
C THR C 74 -13.41 17.18 27.25
N TYR C 75 -12.34 16.68 26.66
CA TYR C 75 -12.45 16.01 25.35
C TYR C 75 -12.22 14.51 25.41
N ALA C 76 -13.31 13.76 25.57
CA ALA C 76 -13.24 12.32 25.53
C ALA C 76 -12.73 11.88 24.16
N GLY C 77 -11.80 10.93 24.16
CA GLY C 77 -11.27 10.40 22.93
C GLY C 77 -10.08 11.18 22.40
N LEU C 78 -9.67 12.22 23.13
CA LEU C 78 -8.51 13.02 22.73
C LEU C 78 -7.31 12.15 22.42
N GLN C 79 -6.77 12.27 21.21
CA GLN C 79 -5.66 11.43 20.77
C GLN C 79 -4.31 12.14 20.80
N LEU C 80 -4.32 13.47 20.71
CA LEU C 80 -3.07 14.21 20.58
C LEU C 80 -3.26 15.71 20.87
N VAL C 81 -2.27 16.30 21.54
CA VAL C 81 -2.20 17.74 21.66
C VAL C 81 -0.96 18.22 20.92
N VAL C 82 -1.17 19.01 19.89
CA VAL C 82 -0.09 19.62 19.13
C VAL C 82 0.27 20.95 19.80
N VAL C 83 1.50 21.09 20.25
CA VAL C 83 1.92 22.23 21.05
C VAL C 83 2.88 23.09 20.25
N ILE C 84 2.55 24.37 20.09
CA ILE C 84 3.42 25.26 19.34
C ILE C 84 4.32 26.06 20.28
N LEU C 85 5.62 25.99 20.06
CA LEU C 85 6.61 26.53 21.00
C LEU C 85 7.30 27.78 20.45
N PRO C 86 7.44 28.83 21.28
CA PRO C 86 8.18 30.02 20.87
C PRO C 86 9.67 29.88 21.16
N GLY C 87 10.40 29.21 20.28
CA GLY C 87 11.82 29.04 20.46
C GLY C 87 12.13 28.19 21.67
N LYS C 88 13.26 28.45 22.32
CA LYS C 88 13.72 27.63 23.44
C LYS C 88 13.35 28.22 24.79
N THR C 89 12.43 27.57 25.49
CA THR C 89 12.02 28.01 26.81
C THR C 89 11.67 26.81 27.68
N PRO C 90 11.43 27.03 28.97
CA PRO C 90 11.05 25.92 29.86
C PRO C 90 9.72 25.31 29.53
N VAL C 91 8.97 25.88 28.60
CA VAL C 91 7.69 25.28 28.21
C VAL C 91 7.84 23.83 27.74
N TYR C 92 8.83 23.56 26.89
CA TYR C 92 9.01 22.19 26.39
C TYR C 92 9.16 21.18 27.53
N ALA C 93 10.04 21.48 28.48
CA ALA C 93 10.28 20.54 29.57
C ALA C 93 8.99 20.28 30.34
N GLU C 94 8.23 21.35 30.58
CA GLU C 94 6.99 21.25 31.33
C GLU C 94 5.91 20.48 30.57
N VAL C 95 5.83 20.70 29.27
CA VAL C 95 4.89 19.95 28.44
C VAL C 95 5.15 18.46 28.57
N LYS C 96 6.43 18.07 28.55
CA LYS C 96 6.75 16.65 28.63
C LYS C 96 6.50 16.07 30.03
N ARG C 97 6.81 16.84 31.07
CA ARG C 97 6.54 16.42 32.45
C ARG C 97 5.05 16.22 32.66
N VAL C 98 4.25 17.21 32.26
CA VAL C 98 2.81 17.09 32.38
C VAL C 98 2.23 16.00 31.51
N GLY C 99 2.63 15.95 30.24
CA GLY C 99 2.14 14.93 29.32
C GLY C 99 2.53 13.52 29.74
N ASP C 100 3.81 13.29 29.96
CA ASP C 100 4.31 11.94 30.17
C ASP C 100 4.13 11.42 31.61
N THR C 101 4.25 12.32 32.59
CA THR C 101 4.33 11.89 33.98
C THR C 101 3.07 12.16 34.80
N VAL C 102 2.45 13.31 34.57
CA VAL C 102 1.29 13.70 35.35
C VAL C 102 -0.02 13.16 34.79
N LEU C 103 -0.25 13.34 33.49
CA LEU C 103 -1.56 13.09 32.92
C LEU C 103 -1.63 11.90 31.97
N GLY C 104 -0.49 11.47 31.45
CA GLY C 104 -0.45 10.38 30.50
C GLY C 104 -1.17 10.69 29.19
N MSE C 105 -0.80 11.80 28.57
CA MSE C 105 -1.41 12.25 27.32
C MSE C 105 -0.36 12.44 26.24
O MSE C 105 0.69 13.04 26.49
CB MSE C 105 -2.08 13.61 27.49
CG MSE C 105 -3.02 13.75 28.64
SE MSE C 105 -3.38 15.65 28.93
CE MSE C 105 -4.09 16.14 27.19
N ALA C 106 -0.66 11.97 25.04
CA ALA C 106 0.25 12.17 23.91
C ALA C 106 0.32 13.64 23.51
N THR C 107 1.55 14.14 23.37
CA THR C 107 1.80 15.49 22.89
C THR C 107 2.87 15.49 21.80
N GLN C 108 2.81 16.48 20.91
CA GLN C 108 3.84 16.65 19.90
C GLN C 108 4.12 18.13 19.73
N CYS C 109 5.37 18.54 19.97
CA CYS C 109 5.72 19.95 19.86
C CYS C 109 6.15 20.31 18.45
N VAL C 110 5.90 21.56 18.09
CA VAL C 110 6.32 22.10 16.79
C VAL C 110 6.83 23.53 17.03
N GLN C 111 7.96 23.86 16.43
CA GLN C 111 8.48 25.22 16.57
C GLN C 111 7.62 26.25 15.83
N MSE C 112 7.42 27.40 16.47
CA MSE C 112 6.63 28.51 15.93
C MSE C 112 6.97 28.84 14.48
O MSE C 112 6.07 29.09 13.66
CB MSE C 112 6.78 29.74 16.81
CG MSE C 112 6.18 31.00 16.22
SE MSE C 112 6.50 32.58 17.34
CE MSE C 112 8.44 32.53 17.40
N LYS C 113 8.25 28.87 14.16
CA LYS C 113 8.68 29.26 12.82
C LYS C 113 8.16 28.30 11.75
N ASN C 114 7.96 27.04 12.13
CA ASN C 114 7.48 26.03 11.18
C ASN C 114 5.96 26.06 11.04
N VAL C 115 5.30 26.85 11.87
CA VAL C 115 3.88 27.11 11.72
C VAL C 115 3.70 28.40 10.92
N GLN C 116 4.56 29.38 11.16
CA GLN C 116 4.46 30.66 10.44
C GLN C 116 4.72 30.47 8.96
N ARG C 117 5.68 29.59 8.66
CA ARG C 117 6.04 29.25 7.29
C ARG C 117 6.21 27.74 7.21
N THR C 118 5.24 27.03 6.66
CA THR C 118 5.40 25.59 6.51
C THR C 118 6.21 25.23 5.27
N THR C 119 6.83 24.06 5.27
CA THR C 119 7.43 23.48 4.07
C THR C 119 7.05 22.01 4.09
N PRO C 120 7.05 21.35 2.91
CA PRO C 120 6.78 19.90 2.87
C PRO C 120 7.69 19.15 3.82
N GLN C 121 8.98 19.50 3.85
CA GLN C 121 9.93 18.77 4.69
C GLN C 121 9.61 18.85 6.19
N THR C 122 9.29 20.05 6.68
CA THR C 122 8.97 20.18 8.09
C THR C 122 7.62 19.53 8.42
N LEU C 123 6.65 19.61 7.50
CA LEU C 123 5.38 18.94 7.70
C LEU C 123 5.57 17.42 7.72
N SER C 124 6.42 16.93 6.82
CA SER C 124 6.79 15.50 6.77
C SER C 124 7.42 15.08 8.10
N ASN C 125 8.38 15.87 8.59
CA ASN C 125 9.02 15.58 9.88
C ASN C 125 7.96 15.39 10.96
N LEU C 126 7.01 16.32 11.00
CA LEU C 126 5.96 16.31 12.02
C LEU C 126 5.04 15.09 11.87
N CYS C 127 4.64 14.78 10.64
CA CYS C 127 3.83 13.60 10.40
C CYS C 127 4.50 12.32 10.87
N LEU C 128 5.80 12.21 10.61
CA LEU C 128 6.54 11.02 10.96
C LEU C 128 6.62 10.86 12.48
N LYS C 129 6.85 11.96 13.18
CA LYS C 129 6.91 11.93 14.64
C LYS C 129 5.57 11.48 15.22
N ILE C 130 4.48 12.01 14.67
CA ILE C 130 3.16 11.65 15.12
C ILE C 130 2.89 10.16 14.85
N ASN C 131 3.32 9.70 13.67
CA ASN C 131 3.07 8.33 13.29
C ASN C 131 3.73 7.38 14.28
N VAL C 132 4.96 7.72 14.68
CA VAL C 132 5.69 6.92 15.66
C VAL C 132 4.95 6.86 16.99
N LYS C 133 4.50 8.03 17.45
CA LYS C 133 3.82 8.14 18.75
C LYS C 133 2.49 7.40 18.79
N LEU C 134 1.68 7.55 17.76
CA LEU C 134 0.32 6.98 17.81
C LEU C 134 0.23 5.61 17.14
N GLY C 135 1.30 5.19 16.48
CA GLY C 135 1.28 3.96 15.70
C GLY C 135 1.49 2.72 16.53
N GLY C 136 2.74 2.48 16.93
CA GLY C 136 3.08 1.31 17.70
C GLY C 136 2.47 1.31 19.10
P PO4 D . -18.76 -23.98 -4.73
O1 PO4 D . -20.19 -24.45 -4.65
O2 PO4 D . -17.82 -25.16 -4.57
O3 PO4 D . -18.50 -23.32 -6.07
O4 PO4 D . -18.50 -23.02 -3.59
P PO4 E . -13.08 -10.57 -24.63
O1 PO4 E . -13.79 -11.48 -23.66
O2 PO4 E . -12.56 -11.37 -25.80
O3 PO4 E . -14.03 -9.52 -25.13
O4 PO4 E . -11.92 -9.90 -23.92
C1 GOL F . -23.03 -13.05 -26.79
O1 GOL F . -23.10 -12.71 -25.42
C2 GOL F . -21.90 -12.31 -27.49
O2 GOL F . -20.97 -11.84 -26.54
C3 GOL F . -21.23 -13.27 -28.46
O3 GOL F . -20.46 -12.56 -29.42
P PO4 G . 10.46 0.72 -16.53
O1 PO4 G . 9.54 -0.45 -16.23
O2 PO4 G . 11.64 0.73 -15.57
O3 PO4 G . 10.94 0.60 -17.95
O4 PO4 G . 9.68 2.00 -16.37
P PO4 H . 0.67 -6.60 8.19
O1 PO4 H . 0.00 -7.22 9.39
O2 PO4 H . 1.92 -7.36 7.83
O3 PO4 H . -0.30 -6.61 7.02
O4 PO4 H . 1.06 -5.18 8.52
P PO4 I . 25.96 5.24 1.75
O1 PO4 I . 24.56 5.58 2.20
O2 PO4 I . 26.81 4.91 2.95
O3 PO4 I . 25.90 4.05 0.81
O4 PO4 I . 26.57 6.41 1.01
P PO4 J . 8.85 15.79 20.85
O1 PO4 J . 7.56 16.54 21.18
O2 PO4 J . 8.94 14.53 21.68
O3 PO4 J . 8.87 15.43 19.38
O4 PO4 J . 10.06 16.66 21.14
P PO4 K . -5.17 13.00 39.36
O1 PO4 K . -6.38 12.63 38.52
O2 PO4 K . -4.46 11.75 39.80
O3 PO4 K . -4.23 13.83 38.54
O4 PO4 K . -5.59 13.78 40.59
P PO4 L . -13.57 24.66 25.84
O1 PO4 L . -14.86 23.91 26.07
O2 PO4 L . -12.42 23.67 25.83
O3 PO4 L . -13.62 25.38 24.52
O4 PO4 L . -13.36 25.67 26.95
#